data_3F6E
#
_entry.id   3F6E
#
_cell.length_a   81.090
_cell.length_b   95.807
_cell.length_c   137.324
_cell.angle_alpha   90.000
_cell.angle_beta   90.000
_cell.angle_gamma   90.000
#
_symmetry.space_group_name_H-M   'I 2 2 2'
#
loop_
_entity.id
_entity.type
_entity.pdbx_description
1 polymer 'Benzoylformate decarboxylase'
2 non-polymer 'MAGNESIUM ION'
3 non-polymer 3-[(4-amino-2-methylpyrimidin-5-yl)methyl]-5-(2-{[(S)-hydroxy(phosphonooxy)phosphoryl]oxy}ethyl)-2-[(1S,2E)-1-hydroxy-3-pyridin-3-ylprop-2-en-1-yl]-4-methyl-1,3-thiazol-3-ium
4 water water
#
_entity_poly.entity_id   1
_entity_poly.type   'polypeptide(L)'
_entity_poly.pdbx_seq_one_letter_code
;ASVHGTTYELLRRQGIDTVFGNPGSNELPFLKDFPEDFRYILALQEACVVGIADGYAQASRKPAFINLHSAAGTGNAMGA
LSNAWNSHSPLIVTAGQQTRAMIGVEALLTNVDAANLPRPLVKWSYEPASAAEVPHAMSRAIHMASMAPQGPVYLSVPYD
DWDKDADPQSHHLFDRHVSSSVRLNDQDLDILVKALNSASNPAIVLGPDVDAANANADCVMLAERLKAPVWVAPSAPRCP
FPTRHPCFRGLMPAGIAAISQLLEGHDVVLVIGAPVFRYHQYDPGQYLKPGTRLISVTCDPLEAARAPMGDAIVADIGAM
ASALANLVEESSRQLPTAAPEPAKVDQDAGRLHPETVFDTLNDMAPENAIYLNESTSTTAQMWQRLNMRNPGSYYFCAAG
GLGFALPAAIGVQLAEPERQVIAVIGDGSANYSISALWTAAQYNIPTIFVIMNNGTYGALRWFAGVLEAENVPGLDVPGI
DFRALAKGYGVQALKADNLEQLKGSLQEALSAKGPVLIEVSTVSP
;
_entity_poly.pdbx_strand_id   X
#
# COMPACT_ATOMS: atom_id res chain seq x y z
N ALA A 1 18.97 -11.97 -31.36
CA ALA A 1 17.85 -12.15 -30.39
C ALA A 1 16.76 -11.17 -30.79
N SER A 2 15.49 -11.50 -30.51
CA SER A 2 14.38 -10.61 -30.76
C SER A 2 14.25 -9.68 -29.56
N VAL A 3 13.51 -8.59 -29.77
CA VAL A 3 13.16 -7.68 -28.67
C VAL A 3 12.38 -8.44 -27.57
N HIS A 4 11.48 -9.35 -27.96
CA HIS A 4 10.79 -10.22 -27.01
C HIS A 4 11.79 -10.99 -26.16
N GLY A 5 12.69 -11.75 -26.79
CA GLY A 5 13.62 -12.55 -26.00
C GLY A 5 14.52 -11.70 -25.10
N THR A 6 15.00 -10.57 -25.62
CA THR A 6 15.92 -9.71 -24.82
C THR A 6 15.20 -9.05 -23.64
N THR A 7 13.89 -8.79 -23.86
CA THR A 7 13.17 -8.10 -22.79
C THR A 7 12.89 -9.09 -21.66
N TYR A 8 12.42 -10.30 -21.97
CA TYR A 8 12.21 -11.28 -20.91
C TYR A 8 13.50 -11.65 -20.18
N GLU A 9 14.61 -11.64 -20.93
CA GLU A 9 15.93 -11.88 -20.30
C GLU A 9 16.27 -10.76 -19.34
N LEU A 10 16.11 -9.51 -19.77
CA LEU A 10 16.28 -8.37 -18.85
C LEU A 10 15.38 -8.51 -17.62
N LEU A 11 14.12 -8.87 -17.81
CA LEU A 11 13.26 -8.95 -16.66
C LEU A 11 13.76 -10.02 -15.67
N ARG A 12 14.13 -11.22 -16.15
CA ARG A 12 14.50 -12.27 -15.22
C ARG A 12 15.82 -11.95 -14.57
N ARG A 13 16.71 -11.28 -15.30
CA ARG A 13 18.00 -10.85 -14.73
C ARG A 13 17.91 -9.75 -13.67
N GLN A 14 16.81 -9.05 -13.76
CA GLN A 14 16.51 -8.04 -12.75
C GLN A 14 15.55 -8.54 -11.69
N GLY A 15 15.23 -9.82 -11.68
CA GLY A 15 14.53 -10.40 -10.50
C GLY A 15 13.04 -10.54 -10.72
N ILE A 16 12.56 -10.29 -11.92
CA ILE A 16 11.11 -10.23 -12.16
C ILE A 16 10.74 -11.54 -12.77
N ASP A 17 9.70 -12.18 -12.26
CA ASP A 17 9.32 -13.54 -12.73
C ASP A 17 7.80 -13.72 -12.84
N THR A 18 7.05 -12.63 -12.53
CA THR A 18 5.57 -12.71 -12.52
C THR A 18 5.01 -11.53 -13.31
N VAL A 19 3.99 -11.77 -14.13
CA VAL A 19 3.30 -10.72 -14.88
C VAL A 19 1.86 -10.71 -14.36
N PHE A 20 1.46 -9.59 -13.75
CA PHE A 20 0.05 -9.37 -13.36
C PHE A 20 -0.64 -8.70 -14.51
N GLY A 21 -1.71 -9.31 -15.08
CA GLY A 21 -2.25 -8.79 -16.34
C GLY A 21 -3.74 -9.04 -16.58
N ASN A 22 -4.28 -8.25 -17.52
CA ASN A 22 -5.55 -8.54 -18.20
C ASN A 22 -5.19 -8.33 -19.67
N PRO A 23 -5.25 -9.43 -20.41
CA PRO A 23 -4.66 -9.35 -21.73
C PRO A 23 -5.51 -8.63 -22.75
N GLY A 24 -4.88 -8.21 -23.86
CA GLY A 24 -5.60 -7.61 -25.01
C GLY A 24 -4.85 -7.85 -26.32
N SER A 25 -5.38 -7.33 -27.42
CA SER A 25 -4.80 -7.79 -28.68
C SER A 25 -3.48 -7.08 -28.95
N ASN A 26 -3.27 -5.86 -28.42
CA ASN A 26 -1.96 -5.19 -28.62
C ASN A 26 -0.83 -5.86 -27.80
N GLU A 27 -1.22 -6.68 -26.83
CA GLU A 27 -0.29 -7.35 -25.96
C GLU A 27 0.00 -8.84 -26.35
N LEU A 28 -0.77 -9.43 -27.30
CA LEU A 28 -0.53 -10.82 -27.65
C LEU A 28 0.88 -11.06 -28.14
N PRO A 29 1.46 -10.12 -28.90
CA PRO A 29 2.83 -10.39 -29.34
C PRO A 29 3.87 -10.39 -28.23
N PHE A 30 3.57 -9.72 -27.11
CA PHE A 30 4.42 -9.74 -25.94
C PHE A 30 4.20 -11.05 -25.14
N LEU A 31 2.94 -11.42 -24.95
CA LEU A 31 2.61 -12.57 -24.18
C LEU A 31 2.81 -13.93 -24.82
N LYS A 32 2.85 -14.00 -26.17
CA LYS A 32 3.10 -15.28 -26.84
C LYS A 32 4.44 -15.85 -26.41
N ASP A 33 4.59 -17.18 -26.59
CA ASP A 33 5.85 -17.83 -26.20
C ASP A 33 6.21 -17.43 -24.77
N PHE A 34 5.19 -17.36 -23.94
CA PHE A 34 5.40 -16.85 -22.57
C PHE A 34 6.44 -17.78 -21.86
N PRO A 35 7.49 -17.21 -21.28
CA PRO A 35 8.57 -18.09 -20.78
C PRO A 35 8.10 -19.04 -19.70
N GLU A 36 8.64 -20.25 -19.71
CA GLU A 36 8.26 -21.25 -18.70
C GLU A 36 8.60 -20.88 -17.27
N ASP A 37 9.63 -20.03 -17.05
CA ASP A 37 10.01 -19.63 -15.71
C ASP A 37 9.17 -18.45 -15.18
N PHE A 38 8.34 -17.81 -16.01
CA PHE A 38 7.45 -16.75 -15.50
C PHE A 38 6.09 -17.30 -15.19
N ARG A 39 5.34 -16.57 -14.37
CA ARG A 39 3.98 -16.94 -14.02
C ARG A 39 3.03 -15.76 -14.23
N TYR A 40 1.96 -15.99 -14.98
CA TYR A 40 0.97 -14.94 -15.31
C TYR A 40 -0.20 -15.04 -14.37
N ILE A 41 -0.50 -13.90 -13.75
CA ILE A 41 -1.65 -13.86 -12.82
C ILE A 41 -2.71 -13.02 -13.48
N LEU A 42 -3.77 -13.67 -13.95
CA LEU A 42 -4.92 -13.01 -14.53
C LEU A 42 -5.88 -12.40 -13.48
N ALA A 43 -6.31 -11.18 -13.74
CA ALA A 43 -7.48 -10.62 -13.06
C ALA A 43 -8.46 -10.07 -14.09
N LEU A 44 -9.74 -9.96 -13.74
CA LEU A 44 -10.80 -9.71 -14.68
C LEU A 44 -11.03 -8.23 -14.99
N GLN A 45 -10.42 -7.31 -14.24
CA GLN A 45 -10.57 -5.88 -14.52
C GLN A 45 -9.23 -5.25 -14.03
N GLU A 46 -8.85 -4.13 -14.66
CA GLU A 46 -7.50 -3.57 -14.41
C GLU A 46 -7.26 -2.94 -13.09
N ALA A 47 -8.34 -2.42 -12.48
CA ALA A 47 -8.10 -1.95 -11.14
C ALA A 47 -7.69 -3.17 -10.25
N CYS A 48 -8.28 -4.31 -10.53
CA CYS A 48 -7.92 -5.49 -9.76
C CYS A 48 -6.47 -6.01 -10.12
N VAL A 49 -6.07 -5.94 -11.41
CA VAL A 49 -4.76 -6.38 -11.79
C VAL A 49 -3.73 -5.53 -10.98
N VAL A 50 -3.93 -4.20 -11.05
CA VAL A 50 -2.95 -3.29 -10.41
C VAL A 50 -3.00 -3.38 -8.86
N GLY A 51 -4.17 -3.55 -8.27
CA GLY A 51 -4.30 -3.69 -6.81
C GLY A 51 -3.59 -4.95 -6.34
N ILE A 52 -3.77 -6.06 -7.07
CA ILE A 52 -3.04 -7.34 -6.73
C ILE A 52 -1.51 -7.12 -6.82
N ALA A 53 -1.05 -6.59 -7.97
CA ALA A 53 0.39 -6.30 -8.11
C ALA A 53 0.94 -5.38 -7.01
N ASP A 54 0.11 -4.43 -6.67
CA ASP A 54 0.50 -3.44 -5.63
C ASP A 54 0.70 -4.13 -4.25
N GLY A 55 -0.32 -4.87 -3.82
CA GLY A 55 -0.09 -5.66 -2.57
C GLY A 55 1.11 -6.59 -2.65
N TYR A 56 1.28 -7.21 -3.82
CA TYR A 56 2.42 -8.07 -3.93
C TYR A 56 3.78 -7.28 -3.80
N ALA A 57 3.85 -6.16 -4.50
CA ALA A 57 5.06 -5.36 -4.39
C ALA A 57 5.35 -4.86 -2.97
N GLN A 58 4.28 -4.34 -2.35
CA GLN A 58 4.47 -3.74 -1.03
C GLN A 58 4.90 -4.80 -0.02
N ALA A 59 4.27 -6.00 -0.10
CA ALA A 59 4.63 -7.04 0.86
C ALA A 59 5.98 -7.69 0.56
N SER A 60 6.26 -7.87 -0.72
CA SER A 60 7.56 -8.47 -1.14
C SER A 60 8.73 -7.50 -1.08
N ARG A 61 8.43 -6.18 -0.99
CA ARG A 61 9.47 -5.16 -1.01
C ARG A 61 10.36 -5.25 -2.28
N LYS A 62 9.70 -5.44 -3.40
CA LYS A 62 10.37 -5.51 -4.69
C LYS A 62 9.40 -5.07 -5.77
N PRO A 63 9.93 -4.69 -6.95
CA PRO A 63 8.98 -4.24 -7.99
C PRO A 63 8.07 -5.32 -8.47
N ALA A 64 6.86 -4.94 -8.86
CA ALA A 64 5.97 -5.85 -9.57
C ALA A 64 5.70 -5.37 -10.97
N PHE A 65 5.53 -6.33 -11.88
CA PHE A 65 5.36 -6.08 -13.31
C PHE A 65 3.91 -6.32 -13.73
N ILE A 66 3.40 -5.33 -14.49
CA ILE A 66 1.97 -5.36 -14.90
C ILE A 66 1.93 -5.23 -16.43
N ASN A 67 0.93 -5.88 -17.02
CA ASN A 67 0.70 -5.73 -18.44
C ASN A 67 -0.78 -5.47 -18.68
N LEU A 68 -1.08 -4.30 -19.24
CA LEU A 68 -2.46 -3.91 -19.51
C LEU A 68 -2.73 -3.61 -21.00
N HIS A 69 -4.01 -3.49 -21.33
CA HIS A 69 -4.40 -3.28 -22.70
C HIS A 69 -4.61 -1.79 -23.07
N SER A 70 -3.69 -1.24 -23.85
CA SER A 70 -3.76 0.13 -24.41
C SER A 70 -4.35 1.15 -23.45
N ALA A 71 -5.11 2.04 -24.04
CA ALA A 71 -5.61 3.14 -23.24
C ALA A 71 -6.73 2.77 -22.29
N ALA A 72 -7.66 1.96 -22.74
CA ALA A 72 -8.83 1.71 -21.89
C ALA A 72 -8.40 0.84 -20.75
N GLY A 73 -7.52 -0.13 -20.95
CA GLY A 73 -7.02 -0.95 -19.85
C GLY A 73 -6.23 -0.09 -18.86
N THR A 74 -5.35 0.79 -19.37
CA THR A 74 -4.56 1.65 -18.48
C THR A 74 -5.55 2.57 -17.74
N GLY A 75 -6.53 3.13 -18.45
CA GLY A 75 -7.46 4.08 -17.77
C GLY A 75 -8.23 3.34 -16.65
N ASN A 76 -8.64 2.09 -16.88
CA ASN A 76 -9.42 1.36 -15.87
C ASN A 76 -8.57 1.23 -14.57
N ALA A 77 -7.26 1.33 -14.70
CA ALA A 77 -6.32 1.17 -13.56
C ALA A 77 -5.88 2.46 -12.89
N MET A 78 -6.40 3.61 -13.34
CA MET A 78 -5.83 4.85 -12.82
C MET A 78 -6.18 5.19 -11.41
N GLY A 79 -7.35 4.75 -10.91
CA GLY A 79 -7.57 4.92 -9.50
C GLY A 79 -6.61 4.07 -8.68
N ALA A 80 -6.32 2.85 -9.13
CA ALA A 80 -5.36 2.06 -8.45
C ALA A 80 -3.94 2.73 -8.45
N LEU A 81 -3.64 3.43 -9.54
CA LEU A 81 -2.36 4.09 -9.60
C LEU A 81 -2.28 5.25 -8.63
N SER A 82 -3.43 5.87 -8.39
CA SER A 82 -3.44 6.94 -7.42
C SER A 82 -2.98 6.46 -6.01
N ASN A 83 -3.46 5.29 -5.61
CA ASN A 83 -2.97 4.71 -4.39
C ASN A 83 -1.48 4.42 -4.42
N ALA A 84 -1.05 3.76 -5.54
CA ALA A 84 0.34 3.29 -5.66
C ALA A 84 1.35 4.45 -5.61
N TRP A 85 0.91 5.58 -6.16
CA TRP A 85 1.71 6.80 -6.07
C TRP A 85 1.94 7.24 -4.58
N ASN A 86 0.85 7.26 -3.80
CA ASN A 86 0.95 7.70 -2.43
C ASN A 86 1.66 6.71 -1.49
N SER A 87 1.63 5.41 -1.86
CA SER A 87 2.39 4.38 -1.10
C SER A 87 3.82 4.12 -1.61
N HIS A 88 4.27 4.92 -2.58
CA HIS A 88 5.59 4.67 -3.14
C HIS A 88 5.72 3.20 -3.65
N SER A 89 4.70 2.63 -4.27
CA SER A 89 4.80 1.22 -4.70
C SER A 89 5.56 1.16 -5.98
N PRO A 90 6.61 0.29 -6.01
CA PRO A 90 7.40 0.04 -7.25
C PRO A 90 6.65 -0.81 -8.29
N LEU A 91 5.86 -0.16 -9.14
CA LEU A 91 5.05 -0.87 -10.13
C LEU A 91 5.54 -0.52 -11.52
N ILE A 92 5.85 -1.56 -12.30
CA ILE A 92 6.27 -1.34 -13.69
C ILE A 92 5.03 -1.62 -14.55
N VAL A 93 4.32 -0.58 -15.01
CA VAL A 93 3.11 -0.79 -15.79
C VAL A 93 3.41 -0.69 -17.26
N THR A 94 3.20 -1.79 -17.98
CA THR A 94 3.35 -1.83 -19.44
C THR A 94 1.98 -1.96 -20.08
N ALA A 95 1.84 -1.28 -21.21
CA ALA A 95 0.60 -1.37 -21.96
C ALA A 95 0.91 -1.50 -23.44
N GLY A 96 0.14 -2.31 -24.16
CA GLY A 96 0.37 -2.50 -25.59
C GLY A 96 -0.22 -1.38 -26.39
N GLN A 97 0.52 -0.96 -27.41
CA GLN A 97 0.09 0.06 -28.33
C GLN A 97 -0.19 -0.60 -29.72
N GLN A 98 -0.88 0.12 -30.60
CA GLN A 98 -1.05 -0.35 -31.98
C GLN A 98 0.28 -0.53 -32.69
N THR A 99 0.22 -1.37 -33.76
CA THR A 99 1.38 -1.47 -34.62
C THR A 99 1.82 -0.06 -35.12
N ARG A 100 3.13 0.16 -35.25
CA ARG A 100 3.59 1.55 -35.55
C ARG A 100 2.96 2.01 -36.87
N ALA A 101 2.77 1.09 -37.81
CA ALA A 101 2.15 1.45 -39.12
C ALA A 101 0.70 1.94 -39.04
N MET A 102 0.00 1.68 -37.92
CA MET A 102 -1.41 2.07 -37.71
CA MET A 102 -1.41 2.20 -37.81
C MET A 102 -1.65 3.21 -36.72
N ILE A 103 -0.60 3.70 -36.07
CA ILE A 103 -0.76 4.73 -35.06
C ILE A 103 -1.22 6.07 -35.68
N GLY A 104 -0.66 6.41 -36.83
CA GLY A 104 -0.95 7.72 -37.46
C GLY A 104 -2.43 7.93 -37.76
N VAL A 105 -3.05 6.90 -38.33
CA VAL A 105 -4.46 6.98 -38.72
C VAL A 105 -5.38 6.87 -37.47
N GLU A 106 -4.77 6.59 -36.32
CA GLU A 106 -5.51 6.33 -35.10
C GLU A 106 -6.51 5.19 -35.29
N ALA A 107 -5.97 4.05 -35.69
CA ALA A 107 -6.77 2.85 -35.74
C ALA A 107 -7.34 2.54 -34.36
N LEU A 108 -8.40 1.77 -34.35
CA LEU A 108 -8.93 1.29 -33.10
C LEU A 108 -7.83 0.68 -32.23
N LEU A 109 -7.86 0.98 -30.93
CA LEU A 109 -6.89 0.47 -29.92
C LEU A 109 -5.55 1.23 -29.94
N THR A 110 -5.47 2.29 -30.76
CA THR A 110 -4.36 3.21 -30.59
C THR A 110 -4.43 3.95 -29.25
N ASN A 111 -3.34 4.00 -28.52
CA ASN A 111 -3.32 4.77 -27.24
C ASN A 111 -2.75 6.15 -27.58
N VAL A 112 -3.66 7.12 -27.74
CA VAL A 112 -3.28 8.44 -28.22
C VAL A 112 -2.48 9.23 -27.17
N ASP A 113 -1.39 9.89 -27.49
CA ASP A 113 -0.60 10.66 -26.52
C ASP A 113 -0.33 9.77 -25.29
N ALA A 114 0.06 8.53 -25.54
CA ALA A 114 0.10 7.47 -24.53
C ALA A 114 0.83 7.89 -23.28
N ALA A 115 2.02 8.48 -23.43
CA ALA A 115 2.83 8.79 -22.22
C ALA A 115 2.16 9.79 -21.31
N ASN A 116 1.25 10.59 -21.83
CA ASN A 116 0.53 11.56 -20.94
C ASN A 116 -0.61 10.91 -20.23
N LEU A 117 -1.12 9.77 -20.67
CA LEU A 117 -2.33 9.21 -20.08
C LEU A 117 -2.22 9.00 -18.55
N PRO A 118 -1.20 8.33 -18.03
CA PRO A 118 -1.15 8.03 -16.60
C PRO A 118 -0.66 9.19 -15.72
N ARG A 119 -0.18 10.27 -16.34
CA ARG A 119 0.31 11.38 -15.53
C ARG A 119 -0.88 12.05 -14.81
N PRO A 120 -0.70 12.58 -13.57
CA PRO A 120 0.53 12.82 -12.78
C PRO A 120 0.87 11.68 -11.81
N LEU A 121 0.37 10.46 -12.07
CA LEU A 121 0.44 9.37 -11.03
C LEU A 121 1.57 8.39 -11.25
N VAL A 122 2.55 8.77 -12.11
CA VAL A 122 3.72 7.93 -12.36
C VAL A 122 5.02 8.75 -12.28
N LYS A 123 6.13 8.07 -11.94
CA LYS A 123 7.44 8.76 -11.86
C LYS A 123 8.04 9.03 -13.21
N TRP A 124 7.63 8.19 -14.18
CA TRP A 124 8.28 8.18 -15.50
C TRP A 124 7.28 7.54 -16.45
N SER A 125 7.12 8.07 -17.67
CA SER A 125 6.09 7.52 -18.56
C SER A 125 6.62 7.75 -19.97
N TYR A 126 6.54 6.72 -20.77
CA TYR A 126 7.31 6.73 -22.02
C TYR A 126 6.80 5.76 -23.08
N GLU A 127 7.01 6.17 -24.33
CA GLU A 127 6.84 5.23 -25.43
C GLU A 127 8.11 5.33 -26.29
N PRO A 128 8.75 4.17 -26.57
CA PRO A 128 10.05 4.20 -27.33
C PRO A 128 9.89 4.64 -28.81
N ALA A 129 10.98 5.25 -29.34
CA ALA A 129 10.90 5.81 -30.65
C ALA A 129 11.24 4.71 -31.70
N SER A 130 11.62 3.48 -31.24
CA SER A 130 11.90 2.38 -32.19
C SER A 130 11.85 1.05 -31.46
N ALA A 131 11.69 -0.04 -32.20
CA ALA A 131 11.63 -1.35 -31.52
C ALA A 131 12.89 -1.71 -30.74
N ALA A 132 14.04 -1.41 -31.35
CA ALA A 132 15.35 -1.79 -30.74
C ALA A 132 15.58 -1.07 -29.42
N GLU A 133 14.86 0.03 -29.24
CA GLU A 133 14.97 0.78 -27.98
C GLU A 133 14.17 0.14 -26.82
N VAL A 134 13.28 -0.79 -27.11
CA VAL A 134 12.34 -1.27 -26.08
C VAL A 134 13.11 -1.87 -24.87
N PRO A 135 14.11 -2.72 -25.04
CA PRO A 135 14.78 -3.24 -23.84
C PRO A 135 15.42 -2.12 -23.00
N HIS A 136 16.06 -1.12 -23.61
CA HIS A 136 16.58 0.00 -22.81
C HIS A 136 15.47 0.75 -22.13
N ALA A 137 14.35 0.97 -22.79
CA ALA A 137 13.25 1.66 -22.13
C ALA A 137 12.76 0.83 -20.94
N MET A 138 12.72 -0.49 -21.10
CA MET A 138 12.24 -1.36 -20.02
C MET A 138 13.22 -1.27 -18.88
N SER A 139 14.53 -1.25 -19.15
CA SER A 139 15.54 -1.07 -18.13
C SER A 139 15.29 0.23 -17.34
N ARG A 140 15.04 1.34 -18.08
CA ARG A 140 14.77 2.59 -17.44
C ARG A 140 13.56 2.45 -16.55
N ALA A 141 12.51 1.80 -17.00
CA ALA A 141 11.32 1.62 -16.19
C ALA A 141 11.62 0.87 -14.93
N ILE A 142 12.33 -0.24 -15.05
CA ILE A 142 12.69 -1.05 -13.84
C ILE A 142 13.40 -0.20 -12.82
N HIS A 143 14.43 0.52 -13.24
CA HIS A 143 15.17 1.34 -12.27
C HIS A 143 14.41 2.55 -11.77
N MET A 144 13.66 3.21 -12.67
CA MET A 144 12.84 4.35 -12.11
C MET A 144 11.87 3.83 -11.10
N ALA A 145 11.26 2.67 -11.29
CA ALA A 145 10.24 2.24 -10.29
C ALA A 145 10.94 1.92 -8.96
N SER A 146 12.21 1.45 -9.02
CA SER A 146 12.88 0.80 -7.91
C SER A 146 13.75 1.73 -7.08
N MET A 147 14.24 2.80 -7.68
CA MET A 147 14.98 3.86 -6.91
C MET A 147 14.11 4.65 -5.93
N ALA A 148 14.71 5.04 -4.84
CA ALA A 148 14.00 5.87 -3.87
C ALA A 148 13.78 7.27 -4.48
N PRO A 149 12.61 7.84 -4.29
CA PRO A 149 11.39 7.28 -3.66
C PRO A 149 10.70 6.35 -4.68
N GLN A 150 10.44 5.10 -4.28
CA GLN A 150 9.88 4.18 -5.22
C GLN A 150 8.53 4.62 -5.72
N GLY A 151 8.06 4.13 -6.85
CA GLY A 151 6.73 4.51 -7.34
C GLY A 151 6.42 3.91 -8.69
N PRO A 152 5.21 4.06 -9.17
CA PRO A 152 4.80 3.48 -10.40
C PRO A 152 5.40 4.20 -11.62
N VAL A 153 5.63 3.41 -12.69
CA VAL A 153 6.10 3.91 -13.95
C VAL A 153 5.30 3.25 -15.08
N TYR A 154 5.42 3.84 -16.27
CA TYR A 154 4.57 3.44 -17.44
C TYR A 154 5.35 3.41 -18.74
N LEU A 155 5.22 2.24 -19.39
CA LEU A 155 5.85 2.03 -20.68
C LEU A 155 4.81 1.55 -21.69
N SER A 156 4.67 2.26 -22.82
CA SER A 156 3.74 1.86 -23.88
C SER A 156 4.62 1.26 -25.01
N VAL A 157 4.23 0.09 -25.53
CA VAL A 157 5.06 -0.60 -26.58
C VAL A 157 4.18 -1.02 -27.78
N PRO A 158 4.45 -0.44 -28.95
CA PRO A 158 3.77 -0.88 -30.19
C PRO A 158 3.89 -2.39 -30.38
N TYR A 159 2.81 -3.05 -30.80
CA TYR A 159 2.84 -4.50 -30.71
C TYR A 159 3.75 -5.12 -31.75
N ASP A 160 4.09 -4.35 -32.79
CA ASP A 160 5.01 -4.92 -33.77
C ASP A 160 6.50 -4.93 -33.32
N ASP A 161 6.80 -4.25 -32.23
CA ASP A 161 8.19 -4.13 -31.81
C ASP A 161 8.83 -5.47 -31.36
N TRP A 162 7.99 -6.35 -30.82
CA TRP A 162 8.48 -7.52 -30.07
C TRP A 162 9.26 -8.52 -30.97
N ASP A 163 8.80 -8.66 -32.18
CA ASP A 163 9.43 -9.62 -33.09
C ASP A 163 10.61 -9.04 -33.82
N LYS A 164 10.85 -7.74 -33.68
CA LYS A 164 12.06 -7.12 -34.33
C LYS A 164 13.36 -7.57 -33.69
N ASP A 165 14.47 -7.41 -34.42
CA ASP A 165 15.76 -7.71 -33.88
C ASP A 165 16.16 -6.75 -32.78
N ALA A 166 16.67 -7.30 -31.68
CA ALA A 166 17.18 -6.48 -30.60
C ALA A 166 18.61 -5.99 -30.99
N ASP A 167 19.00 -4.91 -30.38
CA ASP A 167 20.40 -4.42 -30.46
C ASP A 167 21.27 -5.39 -29.65
N PRO A 168 22.34 -5.97 -30.24
CA PRO A 168 23.22 -6.86 -29.46
C PRO A 168 23.85 -6.16 -28.24
N GLN A 169 23.95 -4.83 -28.26
CA GLN A 169 24.51 -4.14 -27.11
C GLN A 169 23.57 -4.04 -25.91
N SER A 170 22.36 -4.53 -26.06
CA SER A 170 21.39 -4.51 -24.95
C SER A 170 21.84 -5.45 -23.85
N HIS A 171 22.73 -6.40 -24.13
CA HIS A 171 23.16 -7.24 -23.01
C HIS A 171 23.75 -6.48 -21.81
N HIS A 172 24.25 -5.27 -22.05
CA HIS A 172 24.86 -4.51 -20.98
C HIS A 172 23.77 -4.04 -19.99
N LEU A 173 22.50 -4.14 -20.39
CA LEU A 173 21.43 -3.74 -19.42
C LEU A 173 21.23 -4.81 -18.34
N PHE A 174 21.49 -6.07 -18.69
CA PHE A 174 20.93 -7.24 -17.94
C PHE A 174 21.33 -7.18 -16.48
N ASP A 175 22.60 -6.95 -16.17
CA ASP A 175 23.06 -7.07 -14.75
C ASP A 175 23.36 -5.77 -14.04
N ARG A 176 22.84 -4.66 -14.59
CA ARG A 176 23.05 -3.33 -13.91
C ARG A 176 22.51 -3.36 -12.51
N HIS A 177 23.32 -2.88 -11.55
CA HIS A 177 22.90 -2.69 -10.17
C HIS A 177 22.84 -1.21 -9.92
N VAL A 178 21.69 -0.74 -9.46
CA VAL A 178 21.53 0.68 -9.20
C VAL A 178 21.10 0.87 -7.78
N SER A 179 21.90 1.60 -7.01
CA SER A 179 21.58 1.83 -5.60
C SER A 179 21.21 3.21 -5.26
N SER A 180 20.22 3.30 -4.37
CA SER A 180 19.91 4.58 -3.74
C SER A 180 19.96 4.34 -2.22
N SER A 181 20.77 3.38 -1.79
CA SER A 181 20.87 3.10 -0.33
C SER A 181 21.86 4.05 0.36
N VAL A 182 21.42 5.28 0.65
CA VAL A 182 22.30 6.38 1.01
C VAL A 182 21.86 6.96 2.33
N ARG A 183 22.81 7.56 3.03
CA ARG A 183 22.43 8.25 4.28
C ARG A 183 23.24 9.54 4.46
N LEU A 184 22.82 10.41 5.39
CA LEU A 184 23.40 11.67 5.59
C LEU A 184 24.91 11.53 5.93
N ASN A 185 25.70 12.40 5.30
CA ASN A 185 27.17 12.42 5.55
C ASN A 185 27.51 12.42 7.07
N ASP A 186 28.70 11.95 7.47
CA ASP A 186 29.09 11.77 8.87
C ASP A 186 28.99 13.03 9.67
N GLN A 187 29.47 14.15 9.14
CA GLN A 187 29.45 15.37 9.96
C GLN A 187 28.05 15.82 10.34
N ASP A 188 27.14 15.83 9.37
CA ASP A 188 25.78 16.24 9.63
C ASP A 188 24.98 15.17 10.41
N LEU A 189 25.32 13.93 10.19
CA LEU A 189 24.74 12.82 10.97
C LEU A 189 25.09 12.97 12.45
N ASP A 190 26.37 13.29 12.73
CA ASP A 190 26.79 13.53 14.09
C ASP A 190 26.03 14.69 14.69
N ILE A 191 25.73 15.74 13.95
CA ILE A 191 24.96 16.88 14.49
C ILE A 191 23.56 16.39 14.85
N LEU A 192 22.95 15.61 13.96
CA LEU A 192 21.62 15.08 14.20
C LEU A 192 21.61 14.16 15.43
N VAL A 193 22.56 13.26 15.51
CA VAL A 193 22.66 12.36 16.69
C VAL A 193 22.81 13.15 17.98
N LYS A 194 23.63 14.19 17.97
CA LYS A 194 23.80 14.98 19.20
C LYS A 194 22.51 15.69 19.59
N ALA A 195 21.73 16.14 18.59
CA ALA A 195 20.45 16.82 18.88
C ALA A 195 19.48 15.80 19.50
N LEU A 196 19.42 14.60 18.98
CA LEU A 196 18.59 13.55 19.58
C LEU A 196 19.05 13.22 20.99
N ASN A 197 20.36 13.02 21.16
CA ASN A 197 20.93 12.71 22.51
C ASN A 197 20.60 13.78 23.52
N SER A 198 20.53 15.02 23.04
CA SER A 198 20.35 16.15 23.94
C SER A 198 18.92 16.52 24.22
N ALA A 199 17.97 15.92 23.49
CA ALA A 199 16.57 16.27 23.65
C ALA A 199 16.09 15.87 25.06
N SER A 200 15.32 16.72 25.71
CA SER A 200 14.80 16.38 27.04
C SER A 200 13.49 15.59 26.98
N ASN A 201 12.75 15.74 25.88
CA ASN A 201 11.45 15.00 25.75
C ASN A 201 11.14 14.68 24.28
N PRO A 202 11.98 13.83 23.66
CA PRO A 202 11.83 13.53 22.22
C PRO A 202 10.56 12.69 21.93
N ALA A 203 10.00 12.89 20.74
CA ALA A 203 8.92 12.05 20.24
C ALA A 203 9.36 11.48 18.88
N ILE A 204 8.84 10.30 18.50
CA ILE A 204 9.13 9.78 17.16
C ILE A 204 7.78 9.60 16.46
N VAL A 205 7.79 9.94 15.17
CA VAL A 205 6.60 9.72 14.33
C VAL A 205 7.05 8.91 13.11
N LEU A 206 6.36 7.81 12.84
CA LEU A 206 6.84 6.89 11.76
C LEU A 206 5.78 6.76 10.70
N GLY A 207 6.20 6.71 9.41
CA GLY A 207 5.30 6.52 8.33
C GLY A 207 5.57 5.24 7.52
N PRO A 208 4.87 5.14 6.38
CA PRO A 208 4.86 3.85 5.67
C PRO A 208 6.18 3.49 5.04
N ASP A 209 7.04 4.43 4.72
CA ASP A 209 8.33 4.09 4.15
C ASP A 209 9.22 3.36 5.12
N VAL A 210 8.94 3.42 6.42
CA VAL A 210 9.61 2.61 7.40
C VAL A 210 9.25 1.16 7.18
N ASP A 211 7.97 0.83 7.07
CA ASP A 211 7.63 -0.59 6.79
C ASP A 211 8.15 -1.03 5.43
N ALA A 212 8.04 -0.17 4.43
CA ALA A 212 8.57 -0.53 3.11
C ALA A 212 10.02 -0.89 3.18
N ALA A 213 10.76 -0.17 4.00
CA ALA A 213 12.21 -0.41 4.13
C ALA A 213 12.52 -1.60 5.05
N ASN A 214 11.50 -2.20 5.68
CA ASN A 214 11.72 -3.15 6.79
C ASN A 214 12.66 -2.54 7.87
N ALA A 215 12.48 -1.24 8.14
CA ALA A 215 13.28 -0.51 9.14
C ALA A 215 12.58 -0.57 10.51
N ASN A 216 11.49 -1.32 10.60
CA ASN A 216 10.71 -1.34 11.83
C ASN A 216 11.53 -1.73 13.07
N ALA A 217 12.34 -2.74 12.98
CA ALA A 217 13.08 -3.23 14.14
C ALA A 217 14.12 -2.21 14.51
N ASP A 218 14.74 -1.55 13.54
CA ASP A 218 15.66 -0.42 13.87
C ASP A 218 14.96 0.71 14.56
N CYS A 219 13.74 1.00 14.11
CA CYS A 219 13.00 2.08 14.82
C CYS A 219 12.62 1.65 16.22
N VAL A 220 12.34 0.37 16.48
CA VAL A 220 12.17 -0.07 17.89
C VAL A 220 13.43 0.15 18.68
N MET A 221 14.59 -0.26 18.15
CA MET A 221 15.86 0.05 18.87
C MET A 221 16.01 1.55 19.12
N LEU A 222 15.76 2.38 18.11
CA LEU A 222 15.85 3.81 18.27
C LEU A 222 14.95 4.37 19.37
N ALA A 223 13.70 3.93 19.37
CA ALA A 223 12.75 4.44 20.39
C ALA A 223 13.15 3.92 21.78
N GLU A 224 13.68 2.71 21.85
CA GLU A 224 14.14 2.18 23.15
C GLU A 224 15.34 2.94 23.69
N ARG A 225 16.31 3.23 22.82
CA ARG A 225 17.46 4.02 23.26
C ARG A 225 17.02 5.42 23.66
N LEU A 226 16.21 6.10 22.84
CA LEU A 226 15.76 7.45 23.18
C LEU A 226 14.69 7.51 24.27
N LYS A 227 14.16 6.35 24.65
CA LYS A 227 13.06 6.26 25.64
C LYS A 227 11.89 7.16 25.22
N ALA A 228 11.53 7.07 23.94
CA ALA A 228 10.66 8.03 23.32
C ALA A 228 9.35 7.35 22.91
N PRO A 229 8.25 8.05 23.10
CA PRO A 229 6.96 7.59 22.54
C PRO A 229 7.02 7.57 21.00
N VAL A 230 6.26 6.64 20.39
CA VAL A 230 6.25 6.47 18.93
C VAL A 230 4.80 6.54 18.48
N TRP A 231 4.52 7.47 17.56
CA TRP A 231 3.24 7.56 16.89
C TRP A 231 3.39 7.13 15.45
N VAL A 232 2.30 6.64 14.88
CA VAL A 232 2.22 6.51 13.39
C VAL A 232 1.63 7.73 12.73
N ALA A 233 2.30 8.27 11.73
CA ALA A 233 1.85 9.48 11.03
C ALA A 233 0.45 9.27 10.51
N PRO A 234 -0.30 10.37 10.34
CA PRO A 234 -1.75 10.26 10.03
C PRO A 234 -2.02 9.64 8.67
N SER A 235 -3.20 9.12 8.45
CA SER A 235 -3.60 8.60 7.13
C SER A 235 -2.71 7.46 6.79
N ALA A 236 -2.42 6.57 7.75
CA ALA A 236 -1.36 5.60 7.58
C ALA A 236 -1.69 4.51 6.59
N PRO A 237 -0.86 4.34 5.54
CA PRO A 237 -1.07 3.20 4.65
C PRO A 237 -0.43 1.85 5.02
N ARG A 238 0.49 1.90 5.96
CA ARG A 238 1.17 0.70 6.44
C ARG A 238 1.38 0.83 7.98
N CYS A 239 1.77 -0.25 8.65
CA CYS A 239 2.03 -0.15 10.11
C CYS A 239 3.57 -0.30 10.30
N PRO A 240 4.25 0.73 10.81
CA PRO A 240 5.73 0.73 10.93
C PRO A 240 6.30 0.31 12.30
N PHE A 241 5.45 -0.20 13.20
CA PHE A 241 5.95 -0.43 14.58
C PHE A 241 5.03 -1.41 15.28
N PRO A 242 5.61 -2.25 16.16
CA PRO A 242 4.75 -3.22 16.91
C PRO A 242 3.72 -2.49 17.77
N THR A 243 2.43 -2.84 17.61
CA THR A 243 1.42 -1.95 18.23
C THR A 243 1.18 -2.21 19.71
N ARG A 244 1.85 -3.20 20.29
CA ARG A 244 1.79 -3.40 21.76
C ARG A 244 3.14 -3.16 22.42
N HIS A 245 4.14 -2.67 21.66
CA HIS A 245 5.40 -2.22 22.28
C HIS A 245 5.10 -1.09 23.29
N PRO A 246 5.84 -1.06 24.42
CA PRO A 246 5.54 -0.01 25.42
C PRO A 246 5.61 1.43 24.89
N CYS A 247 6.45 1.71 23.90
CA CYS A 247 6.59 3.07 23.33
C CYS A 247 5.42 3.47 22.44
N PHE A 248 4.68 2.46 21.92
CA PHE A 248 3.66 2.76 20.91
C PHE A 248 2.52 3.62 21.47
N ARG A 249 2.17 4.69 20.75
CA ARG A 249 1.07 5.58 21.13
C ARG A 249 -0.07 5.65 20.09
N GLY A 250 0.01 4.92 18.97
CA GLY A 250 -1.14 4.80 18.12
C GLY A 250 -1.05 5.68 16.88
N LEU A 251 -2.15 5.72 16.17
CA LEU A 251 -2.30 6.53 14.97
C LEU A 251 -2.58 7.99 15.30
N MET A 252 -1.85 8.93 14.74
CA MET A 252 -2.13 10.35 14.98
C MET A 252 -3.42 10.74 14.28
N PRO A 253 -4.21 11.63 14.90
CA PRO A 253 -5.39 12.23 14.23
C PRO A 253 -4.85 13.07 13.05
N ALA A 254 -5.56 13.02 11.93
CA ALA A 254 -5.07 13.70 10.72
C ALA A 254 -5.48 15.18 10.68
N GLY A 255 -5.19 15.94 11.76
CA GLY A 255 -5.55 17.35 11.72
C GLY A 255 -4.37 18.20 12.23
N ILE A 256 -4.28 19.47 11.75
CA ILE A 256 -3.18 20.33 12.08
C ILE A 256 -3.15 20.63 13.58
N ALA A 257 -4.28 21.12 14.09
CA ALA A 257 -4.33 21.55 15.51
C ALA A 257 -4.20 20.28 16.40
N ALA A 258 -4.86 19.18 16.01
CA ALA A 258 -4.75 17.95 16.84
C ALA A 258 -3.30 17.50 17.01
N ILE A 259 -2.55 17.58 15.90
CA ILE A 259 -1.16 17.08 15.96
C ILE A 259 -0.22 17.99 16.76
N SER A 260 -0.40 19.32 16.63
CA SER A 260 0.47 20.24 17.37
C SER A 260 0.13 20.10 18.87
N GLN A 261 -1.14 19.84 19.14
CA GLN A 261 -1.55 19.67 20.55
C GLN A 261 -0.92 18.38 21.10
N LEU A 262 -1.02 17.30 20.33
CA LEU A 262 -0.41 16.03 20.71
C LEU A 262 1.11 16.15 21.01
N LEU A 263 1.78 16.90 20.15
CA LEU A 263 3.21 17.07 20.25
C LEU A 263 3.70 18.12 21.21
N GLU A 264 2.77 18.88 21.82
CA GLU A 264 3.15 19.94 22.72
C GLU A 264 3.99 19.39 23.89
N GLY A 265 5.00 20.15 24.35
CA GLY A 265 5.89 19.64 25.39
C GLY A 265 6.98 18.70 24.89
N HIS A 266 6.85 18.17 23.65
CA HIS A 266 7.98 17.45 23.07
C HIS A 266 8.93 18.43 22.35
N ASP A 267 10.19 18.45 22.76
CA ASP A 267 11.14 19.48 22.27
C ASP A 267 11.68 19.16 20.88
N VAL A 268 11.89 17.89 20.59
CA VAL A 268 12.35 17.48 19.29
C VAL A 268 11.43 16.34 18.86
N VAL A 269 10.83 16.51 17.69
CA VAL A 269 10.00 15.44 17.12
C VAL A 269 10.72 14.97 15.87
N LEU A 270 11.05 13.71 15.91
CA LEU A 270 11.72 13.11 14.72
C LEU A 270 10.72 12.29 13.91
N VAL A 271 10.54 12.68 12.63
CA VAL A 271 9.61 11.98 11.73
C VAL A 271 10.48 11.19 10.77
N ILE A 272 10.13 9.94 10.65
CA ILE A 272 10.88 9.03 9.73
C ILE A 272 9.91 8.33 8.74
N GLY A 273 10.14 8.51 7.43
CA GLY A 273 9.44 7.72 6.42
C GLY A 273 7.98 8.12 6.22
N ALA A 274 7.66 9.40 6.46
CA ALA A 274 6.31 9.89 6.26
C ALA A 274 6.32 11.30 5.66
N PRO A 275 5.23 11.69 4.97
CA PRO A 275 5.06 13.09 4.61
C PRO A 275 4.77 13.82 5.93
N VAL A 276 5.09 15.09 5.89
CA VAL A 276 4.81 15.99 7.06
C VAL A 276 3.74 17.05 6.68
N PHE A 277 2.45 16.82 7.05
CA PHE A 277 1.89 15.48 7.35
C PHE A 277 0.71 15.23 6.39
N ARG A 278 0.27 13.97 6.31
CA ARG A 278 -0.87 13.61 5.49
C ARG A 278 -2.19 13.92 6.20
N TYR A 279 -2.39 15.19 6.55
CA TYR A 279 -3.63 15.64 7.25
C TYR A 279 -4.86 15.28 6.38
N HIS A 280 -6.07 15.34 6.94
CA HIS A 280 -7.25 15.03 6.12
C HIS A 280 -8.32 16.04 6.41
N GLN A 281 -8.85 15.95 7.62
CA GLN A 281 -9.91 16.85 8.03
C GLN A 281 -9.36 18.26 8.16
N TYR A 282 -10.28 19.22 8.02
CA TYR A 282 -10.03 20.62 8.28
C TYR A 282 -9.97 20.88 9.79
N ASP A 283 -8.81 21.35 10.27
CA ASP A 283 -8.56 21.38 11.72
C ASP A 283 -7.50 22.47 11.94
N PRO A 284 -7.84 23.73 11.59
CA PRO A 284 -6.83 24.76 11.53
C PRO A 284 -6.23 25.06 12.89
N GLY A 285 -4.96 25.40 12.88
CA GLY A 285 -4.27 25.81 14.10
C GLY A 285 -2.79 25.98 13.84
N GLN A 286 -1.99 25.84 14.89
CA GLN A 286 -0.52 25.91 14.77
C GLN A 286 0.00 24.62 14.22
N TYR A 287 0.97 24.70 13.28
CA TYR A 287 1.61 23.43 12.79
C TYR A 287 2.37 22.72 13.91
N LEU A 288 3.02 23.56 14.76
CA LEU A 288 3.75 23.08 15.94
C LEU A 288 3.58 24.17 16.98
N LYS A 289 3.51 23.74 18.25
CA LYS A 289 3.49 24.72 19.33
C LYS A 289 4.88 25.21 19.69
N PRO A 290 4.97 26.40 20.34
CA PRO A 290 6.20 26.90 20.87
C PRO A 290 6.87 25.83 21.73
N GLY A 291 8.15 25.68 21.49
CA GLY A 291 8.93 24.72 22.23
C GLY A 291 9.16 23.39 21.53
N THR A 292 8.42 23.15 20.40
CA THR A 292 8.58 21.91 19.66
C THR A 292 9.28 22.25 18.36
N ARG A 293 10.33 21.54 18.05
CA ARG A 293 10.88 21.60 16.67
C ARG A 293 10.87 20.21 16.06
N LEU A 294 10.85 20.21 14.72
CA LEU A 294 10.66 18.96 13.99
C LEU A 294 11.80 18.74 13.01
N ILE A 295 12.14 17.46 12.91
CA ILE A 295 13.16 17.01 11.97
C ILE A 295 12.60 15.81 11.24
N SER A 296 12.55 15.89 9.90
CA SER A 296 11.97 14.84 9.09
C SER A 296 13.08 14.16 8.31
N VAL A 297 13.03 12.82 8.28
CA VAL A 297 13.88 12.02 7.36
C VAL A 297 12.88 11.39 6.38
N THR A 298 13.02 11.71 5.11
CA THR A 298 12.12 11.21 4.05
C THR A 298 12.93 10.70 2.86
N CYS A 299 12.37 9.72 2.17
CA CYS A 299 13.05 9.29 0.98
C CYS A 299 12.60 10.07 -0.25
N ASP A 300 11.76 11.07 -0.08
CA ASP A 300 11.06 11.70 -1.20
C ASP A 300 11.24 13.22 -1.24
N PRO A 301 11.98 13.81 -2.17
CA PRO A 301 12.18 15.24 -2.23
C PRO A 301 10.81 15.91 -2.25
N LEU A 302 9.75 15.41 -2.86
CA LEU A 302 8.48 16.15 -2.87
C LEU A 302 7.91 16.27 -1.49
N GLU A 303 8.17 15.29 -0.63
CA GLU A 303 7.72 15.42 0.78
C GLU A 303 8.52 16.46 1.53
N ALA A 304 9.82 16.45 1.39
CA ALA A 304 10.70 17.39 2.02
C ALA A 304 10.34 18.82 1.59
N ALA A 305 10.00 19.03 0.33
CA ALA A 305 9.76 20.39 -0.15
C ALA A 305 8.48 20.95 0.42
N ARG A 306 7.47 20.07 0.52
CA ARG A 306 6.14 20.59 0.86
C ARG A 306 5.84 20.60 2.39
N ALA A 307 6.67 20.06 3.24
CA ALA A 307 6.43 20.16 4.71
C ALA A 307 6.29 21.63 5.08
N PRO A 308 5.24 22.00 5.82
CA PRO A 308 5.11 23.41 6.21
C PRO A 308 6.01 23.84 7.36
N MET A 309 6.73 22.93 7.99
CA MET A 309 7.61 23.23 9.11
C MET A 309 8.69 22.18 9.22
N GLY A 310 9.75 22.50 9.98
CA GLY A 310 10.76 21.52 10.31
C GLY A 310 11.92 21.54 9.35
N ASP A 311 12.97 20.89 9.81
CA ASP A 311 14.08 20.55 8.90
C ASP A 311 13.80 19.22 8.28
N ALA A 312 14.54 18.95 7.20
CA ALA A 312 14.37 17.71 6.51
C ALA A 312 15.67 17.19 5.99
N ILE A 313 15.76 15.84 5.81
CA ILE A 313 16.91 15.13 5.25
C ILE A 313 16.32 14.16 4.25
N VAL A 314 16.78 14.14 3.01
CA VAL A 314 16.25 13.28 1.95
C VAL A 314 17.26 12.14 1.82
N ALA A 315 16.87 10.95 2.27
CA ALA A 315 17.82 9.79 2.26
C ALA A 315 17.02 8.52 2.35
N ASP A 316 17.73 7.41 2.17
CA ASP A 316 17.09 6.07 2.33
C ASP A 316 16.65 5.82 3.75
N ILE A 317 15.42 5.33 3.90
CA ILE A 317 14.87 5.16 5.23
C ILE A 317 15.58 3.99 5.93
N GLY A 318 15.83 2.89 5.24
CA GLY A 318 16.52 1.77 5.89
C GLY A 318 17.92 2.18 6.36
N ALA A 319 18.70 2.85 5.49
CA ALA A 319 20.07 3.27 5.87
C ALA A 319 20.07 4.25 7.04
N MET A 320 19.11 5.21 7.02
CA MET A 320 19.02 6.23 8.10
C MET A 320 18.53 5.68 9.44
N ALA A 321 17.47 4.87 9.40
CA ALA A 321 16.99 4.26 10.61
C ALA A 321 18.10 3.37 11.24
N SER A 322 18.76 2.56 10.42
CA SER A 322 19.84 1.73 10.97
C SER A 322 20.99 2.59 11.60
N ALA A 323 21.41 3.61 10.87
CA ALA A 323 22.50 4.43 11.39
C ALA A 323 22.07 5.13 12.72
N LEU A 324 20.88 5.71 12.75
CA LEU A 324 20.47 6.41 13.95
C LEU A 324 20.29 5.43 15.15
N ALA A 325 19.71 4.27 14.87
CA ALA A 325 19.45 3.29 15.94
C ALA A 325 20.75 2.82 16.58
N ASN A 326 21.81 2.77 15.78
CA ASN A 326 23.09 2.32 16.29
C ASN A 326 24.01 3.39 16.81
N LEU A 327 23.70 4.66 16.55
CA LEU A 327 24.60 5.74 16.97
C LEU A 327 24.11 6.47 18.18
N VAL A 328 22.79 6.53 18.41
CA VAL A 328 22.31 7.36 19.51
C VAL A 328 22.72 6.74 20.85
N GLU A 329 22.82 7.58 21.89
CA GLU A 329 23.06 7.14 23.28
C GLU A 329 21.82 6.45 23.85
N GLU A 330 22.05 5.55 24.81
CA GLU A 330 20.97 5.03 25.62
C GLU A 330 20.63 6.11 26.63
N SER A 331 19.44 6.68 26.54
CA SER A 331 19.01 7.65 27.51
C SER A 331 18.80 7.02 28.92
N SER A 332 19.07 7.81 29.94
CA SER A 332 18.78 7.40 31.32
C SER A 332 17.31 7.65 31.75
N ARG A 333 16.50 8.26 30.89
CA ARG A 333 15.05 8.40 31.19
C ARG A 333 14.36 7.03 31.29
N GLN A 334 13.20 6.99 31.93
CA GLN A 334 12.45 5.72 32.08
C GLN A 334 11.81 5.44 30.71
N LEU A 335 11.78 4.16 30.35
CA LEU A 335 11.07 3.72 29.14
C LEU A 335 9.58 4.06 29.29
N PRO A 336 8.95 4.58 28.23
CA PRO A 336 7.50 4.76 28.22
C PRO A 336 6.80 3.47 28.67
N THR A 337 5.66 3.65 29.31
CA THR A 337 4.81 2.52 29.69
C THR A 337 3.78 2.24 28.61
N ALA A 338 3.48 0.95 28.40
CA ALA A 338 2.54 0.50 27.37
C ALA A 338 1.15 1.05 27.57
N ALA A 339 0.48 1.41 26.46
CA ALA A 339 -0.92 1.85 26.56
C ALA A 339 -1.76 0.67 27.10
N PRO A 340 -2.80 0.97 27.86
CA PRO A 340 -3.66 -0.11 28.31
C PRO A 340 -4.46 -0.74 27.22
N GLU A 341 -4.94 -1.93 27.51
CA GLU A 341 -5.74 -2.66 26.53
C GLU A 341 -7.07 -1.89 26.32
N PRO A 342 -7.62 -2.01 25.11
CA PRO A 342 -8.90 -1.35 24.91
C PRO A 342 -10.01 -2.05 25.71
N ALA A 343 -11.02 -1.30 26.09
CA ALA A 343 -12.15 -1.92 26.79
C ALA A 343 -13.04 -2.77 25.84
N LYS A 344 -13.74 -3.80 26.38
CA LYS A 344 -14.82 -4.51 25.65
C LYS A 344 -16.05 -3.67 25.56
N VAL A 345 -16.54 -3.44 24.34
CA VAL A 345 -17.82 -2.75 24.13
C VAL A 345 -18.97 -3.75 24.42
N ASP A 346 -20.00 -3.30 25.12
CA ASP A 346 -21.19 -4.11 25.37
C ASP A 346 -21.72 -4.62 24.03
N GLN A 347 -21.99 -5.92 23.97
CA GLN A 347 -22.46 -6.55 22.72
C GLN A 347 -23.59 -7.47 23.08
N ASP A 348 -24.75 -7.20 22.48
CA ASP A 348 -25.90 -8.12 22.65
C ASP A 348 -25.87 -9.23 21.64
N ALA A 349 -26.98 -9.97 21.53
CA ALA A 349 -26.98 -11.18 20.73
C ALA A 349 -27.32 -10.91 19.24
N GLY A 350 -27.32 -9.62 18.87
CA GLY A 350 -27.69 -9.19 17.55
C GLY A 350 -26.48 -8.73 16.71
N ARG A 351 -26.72 -7.69 15.92
CA ARG A 351 -25.72 -7.17 14.99
C ARG A 351 -24.41 -6.89 15.71
N LEU A 352 -23.31 -7.07 15.00
CA LEU A 352 -21.99 -6.83 15.60
C LEU A 352 -21.53 -5.38 15.62
N HIS A 353 -21.06 -4.94 16.77
CA HIS A 353 -20.25 -3.71 16.82
C HIS A 353 -18.89 -3.98 16.13
N PRO A 354 -18.42 -2.99 15.35
CA PRO A 354 -17.03 -3.20 14.79
C PRO A 354 -15.99 -3.56 15.85
N GLU A 355 -16.09 -2.99 17.05
CA GLU A 355 -15.16 -3.27 18.15
C GLU A 355 -15.13 -4.76 18.43
N THR A 356 -16.32 -5.39 18.42
CA THR A 356 -16.39 -6.80 18.70
C THR A 356 -15.73 -7.63 17.61
N VAL A 357 -15.88 -7.17 16.38
CA VAL A 357 -15.28 -7.92 15.24
C VAL A 357 -13.75 -7.84 15.46
N PHE A 358 -13.19 -6.65 15.70
CA PHE A 358 -11.71 -6.60 15.80
C PHE A 358 -11.18 -7.35 17.00
N ASP A 359 -11.91 -7.27 18.11
CA ASP A 359 -11.52 -7.98 19.31
C ASP A 359 -11.46 -9.49 19.08
N THR A 360 -12.42 -10.00 18.32
CA THR A 360 -12.51 -11.45 17.99
C THR A 360 -11.45 -11.85 16.98
N LEU A 361 -11.23 -11.00 15.97
CA LEU A 361 -10.16 -11.25 15.06
C LEU A 361 -8.84 -11.34 15.83
N ASN A 362 -8.63 -10.40 16.75
CA ASN A 362 -7.38 -10.39 17.50
C ASN A 362 -7.23 -11.67 18.36
N ASP A 363 -8.38 -12.16 18.89
CA ASP A 363 -8.41 -13.37 19.75
C ASP A 363 -8.07 -14.59 18.91
N MET A 364 -8.49 -14.64 17.64
CA MET A 364 -8.44 -15.89 16.88
C MET A 364 -7.36 -16.00 15.82
N ALA A 365 -6.98 -14.85 15.25
CA ALA A 365 -6.01 -14.85 14.14
C ALA A 365 -4.62 -15.24 14.64
N PRO A 366 -3.79 -15.85 13.78
CA PRO A 366 -2.37 -16.13 14.16
C PRO A 366 -1.64 -14.82 14.51
N GLU A 367 -0.56 -14.90 15.25
CA GLU A 367 0.19 -13.71 15.63
C GLU A 367 0.96 -13.07 14.46
N ASN A 368 1.12 -13.86 13.39
CA ASN A 368 1.71 -13.33 12.18
C ASN A 368 0.68 -13.02 11.07
N ALA A 369 -0.57 -12.87 11.40
CA ALA A 369 -1.57 -12.45 10.42
C ALA A 369 -1.16 -11.14 9.79
N ILE A 370 -1.69 -10.90 8.59
CA ILE A 370 -1.54 -9.59 7.94
C ILE A 370 -2.95 -9.10 7.67
N TYR A 371 -3.20 -7.87 8.05
CA TYR A 371 -4.50 -7.27 7.89
C TYR A 371 -4.56 -6.20 6.80
N LEU A 372 -5.67 -6.10 6.11
CA LEU A 372 -5.90 -4.94 5.24
C LEU A 372 -7.16 -4.30 5.66
N ASN A 373 -7.21 -2.96 5.61
CA ASN A 373 -8.36 -2.19 6.03
C ASN A 373 -8.94 -1.51 4.81
N GLU A 374 -10.23 -1.75 4.52
CA GLU A 374 -10.98 -0.79 3.69
C GLU A 374 -12.43 -0.65 4.31
N SER A 375 -12.44 -0.50 5.63
CA SER A 375 -13.67 -0.31 6.41
C SER A 375 -13.50 1.08 6.97
N THR A 376 -13.89 2.08 6.15
CA THR A 376 -13.49 3.45 6.40
C THR A 376 -13.97 4.09 7.69
N SER A 377 -15.10 3.63 8.28
CA SER A 377 -15.60 4.30 9.45
C SER A 377 -15.05 3.61 10.73
N THR A 378 -14.27 2.57 10.61
CA THR A 378 -13.80 1.79 11.76
C THR A 378 -12.27 1.79 12.04
N THR A 379 -11.55 2.63 11.31
CA THR A 379 -10.10 2.65 11.37
C THR A 379 -9.50 2.82 12.72
N ALA A 380 -10.04 3.79 13.49
CA ALA A 380 -9.49 4.05 14.81
C ALA A 380 -9.61 2.84 15.70
N GLN A 381 -10.74 2.14 15.58
CA GLN A 381 -10.98 0.96 16.42
C GLN A 381 -10.05 -0.15 16.00
N MET A 382 -9.84 -0.31 14.68
CA MET A 382 -8.95 -1.37 14.16
C MET A 382 -7.52 -1.22 14.73
N TRP A 383 -7.04 0.03 14.65
CA TRP A 383 -5.71 0.34 15.19
C TRP A 383 -5.54 0.09 16.68
N GLN A 384 -6.64 0.26 17.42
CA GLN A 384 -6.59 0.06 18.90
C GLN A 384 -6.63 -1.44 19.26
N ARG A 385 -7.25 -2.26 18.42
CA ARG A 385 -7.68 -3.57 18.79
C ARG A 385 -6.92 -4.75 18.20
N LEU A 386 -6.13 -4.51 17.19
CA LEU A 386 -5.33 -5.58 16.55
C LEU A 386 -3.87 -5.46 17.03
N ASN A 387 -3.38 -6.49 17.73
CA ASN A 387 -1.94 -6.54 18.08
C ASN A 387 -1.17 -6.96 16.87
N MET A 388 -0.42 -6.03 16.30
CA MET A 388 0.38 -6.33 15.10
C MET A 388 1.86 -6.23 15.49
N ARG A 389 2.47 -7.38 15.79
CA ARG A 389 3.85 -7.43 16.30
C ARG A 389 4.90 -7.31 15.20
N ASN A 390 4.53 -7.76 13.98
CA ASN A 390 5.54 -7.98 12.93
C ASN A 390 5.42 -6.89 11.86
N PRO A 391 6.50 -6.68 11.10
CA PRO A 391 6.38 -5.80 9.92
C PRO A 391 5.41 -6.37 8.88
N GLY A 392 5.03 -5.53 7.90
CA GLY A 392 4.16 -5.93 6.81
C GLY A 392 2.83 -6.48 7.29
N SER A 393 2.27 -5.91 8.35
CA SER A 393 1.04 -6.46 8.89
C SER A 393 -0.22 -5.63 8.65
N TYR A 394 -0.11 -4.47 7.96
CA TYR A 394 -1.28 -3.64 7.76
C TYR A 394 -1.14 -2.87 6.43
N TYR A 395 -2.22 -2.81 5.72
CA TYR A 395 -2.31 -1.96 4.48
C TYR A 395 -3.70 -1.29 4.38
N PHE A 396 -3.72 0.03 4.04
CA PHE A 396 -4.91 0.80 3.84
C PHE A 396 -4.59 1.74 2.66
N CYS A 397 -5.48 1.77 1.70
CA CYS A 397 -5.37 2.53 0.43
C CYS A 397 -4.72 3.88 0.63
N ALA A 398 -3.53 4.10 0.14
CA ALA A 398 -2.72 5.24 0.53
C ALA A 398 -3.21 6.57 0.02
N ALA A 399 -4.01 6.57 -1.01
CA ALA A 399 -4.61 7.82 -1.49
C ALA A 399 -6.09 7.84 -1.15
N GLY A 400 -6.53 6.92 -0.30
CA GLY A 400 -7.93 6.92 0.00
C GLY A 400 -8.80 6.31 -1.09
N GLY A 401 -8.20 5.68 -2.14
CA GLY A 401 -9.01 5.23 -3.25
C GLY A 401 -9.52 3.86 -2.94
N LEU A 402 -10.85 3.76 -2.79
CA LEU A 402 -11.46 2.45 -2.53
C LEU A 402 -11.30 1.51 -3.69
N GLY A 403 -11.32 0.21 -3.37
CA GLY A 403 -11.01 -0.79 -4.46
C GLY A 403 -9.59 -1.30 -4.38
N PHE A 404 -8.83 -0.87 -3.39
CA PHE A 404 -7.49 -1.39 -3.16
C PHE A 404 -7.44 -2.71 -2.35
N ALA A 405 -8.11 -2.76 -1.20
CA ALA A 405 -7.80 -3.83 -0.25
C ALA A 405 -8.20 -5.23 -0.74
N LEU A 406 -9.30 -5.31 -1.48
CA LEU A 406 -9.77 -6.63 -1.87
C LEU A 406 -8.70 -7.28 -2.83
N PRO A 407 -8.33 -6.63 -3.96
CA PRO A 407 -7.24 -7.18 -4.78
C PRO A 407 -5.91 -7.17 -4.08
N ALA A 408 -5.59 -6.13 -3.31
CA ALA A 408 -4.24 -6.11 -2.75
C ALA A 408 -4.06 -7.24 -1.74
N ALA A 409 -5.16 -7.61 -1.05
CA ALA A 409 -5.08 -8.74 -0.10
C ALA A 409 -4.67 -10.05 -0.73
N ILE A 410 -5.04 -10.19 -2.02
CA ILE A 410 -4.72 -11.36 -2.80
C ILE A 410 -3.23 -11.28 -3.16
N GLY A 411 -2.73 -10.13 -3.60
CA GLY A 411 -1.31 -9.95 -3.86
C GLY A 411 -0.45 -10.18 -2.65
N VAL A 412 -0.85 -9.61 -1.50
CA VAL A 412 -0.13 -9.78 -0.23
C VAL A 412 -0.09 -11.27 0.10
N GLN A 413 -1.23 -11.98 -0.05
CA GLN A 413 -1.22 -13.39 0.37
C GLN A 413 -0.31 -14.21 -0.62
N LEU A 414 -0.28 -13.78 -1.90
CA LEU A 414 0.63 -14.39 -2.83
C LEU A 414 2.11 -14.16 -2.38
N ALA A 415 2.41 -12.94 -1.90
CA ALA A 415 3.75 -12.60 -1.47
C ALA A 415 4.19 -13.31 -0.19
N GLU A 416 3.21 -13.65 0.65
CA GLU A 416 3.48 -14.14 2.01
C GLU A 416 2.64 -15.39 2.24
N PRO A 417 2.97 -16.49 1.57
CA PRO A 417 2.11 -17.68 1.56
C PRO A 417 1.94 -18.29 2.97
N GLU A 418 2.84 -17.96 3.90
CA GLU A 418 2.82 -18.58 5.22
C GLU A 418 2.21 -17.63 6.26
N ARG A 419 1.75 -16.45 5.83
CA ARG A 419 1.10 -15.51 6.81
C ARG A 419 -0.36 -15.37 6.41
N GLN A 420 -1.29 -15.68 7.31
CA GLN A 420 -2.75 -15.55 6.99
C GLN A 420 -3.24 -14.05 6.67
N VAL A 421 -3.65 -13.78 5.46
CA VAL A 421 -4.12 -12.46 5.21
C VAL A 421 -5.60 -12.39 5.49
N ILE A 422 -6.01 -11.31 6.19
CA ILE A 422 -7.41 -11.06 6.57
C ILE A 422 -7.71 -9.63 6.16
N ALA A 423 -8.58 -9.47 5.19
CA ALA A 423 -9.00 -8.14 4.74
C ALA A 423 -10.34 -7.79 5.33
N VAL A 424 -10.41 -6.66 6.05
CA VAL A 424 -11.63 -6.19 6.61
C VAL A 424 -12.13 -5.02 5.77
N ILE A 425 -13.23 -5.25 5.06
CA ILE A 425 -13.65 -4.38 3.95
C ILE A 425 -15.11 -3.99 4.16
N GLY A 426 -15.45 -2.68 4.07
CA GLY A 426 -16.86 -2.33 4.25
C GLY A 426 -17.71 -2.79 3.05
N ASP A 427 -19.04 -2.83 3.27
CA ASP A 427 -19.93 -3.28 2.17
C ASP A 427 -19.88 -2.31 1.01
N GLY A 428 -19.63 -1.05 1.26
CA GLY A 428 -19.48 -0.08 0.17
C GLY A 428 -18.19 -0.34 -0.63
N SER A 429 -17.03 -0.33 0.06
CA SER A 429 -15.73 -0.57 -0.59
C SER A 429 -15.66 -1.87 -1.31
N ALA A 430 -16.37 -2.89 -0.83
CA ALA A 430 -16.18 -4.23 -1.41
C ALA A 430 -16.54 -4.26 -2.92
N ASN A 431 -17.42 -3.35 -3.38
CA ASN A 431 -17.88 -3.37 -4.77
C ASN A 431 -16.90 -2.87 -5.78
N TYR A 432 -16.03 -1.92 -5.38
CA TYR A 432 -15.17 -1.29 -6.37
C TYR A 432 -14.30 -2.29 -7.19
N SER A 433 -13.75 -3.33 -6.54
CA SER A 433 -12.91 -4.34 -7.25
C SER A 433 -13.44 -5.71 -6.90
N ILE A 434 -14.77 -5.89 -6.90
CA ILE A 434 -15.34 -7.15 -6.44
C ILE A 434 -14.81 -8.34 -7.26
N SER A 435 -14.60 -8.08 -8.56
CA SER A 435 -14.16 -9.21 -9.50
C SER A 435 -12.79 -9.79 -9.15
N ALA A 436 -12.01 -9.12 -8.31
CA ALA A 436 -10.74 -9.66 -7.91
C ALA A 436 -10.92 -11.03 -7.20
N LEU A 437 -12.09 -11.21 -6.56
CA LEU A 437 -12.37 -12.46 -5.82
C LEU A 437 -12.03 -13.66 -6.76
N TRP A 438 -12.32 -13.51 -8.06
CA TRP A 438 -12.12 -14.62 -8.98
C TRP A 438 -10.67 -15.08 -9.06
N THR A 439 -9.76 -14.13 -8.96
CA THR A 439 -8.32 -14.46 -8.97
C THR A 439 -7.96 -15.33 -7.77
N ALA A 440 -8.42 -14.96 -6.58
CA ALA A 440 -8.15 -15.78 -5.39
C ALA A 440 -8.71 -17.20 -5.61
N ALA A 441 -9.93 -17.33 -6.14
CA ALA A 441 -10.51 -18.65 -6.38
C ALA A 441 -9.67 -19.43 -7.39
N GLN A 442 -9.37 -18.80 -8.51
CA GLN A 442 -8.70 -19.55 -9.61
C GLN A 442 -7.32 -20.02 -9.25
N TYR A 443 -6.56 -19.23 -8.50
CA TYR A 443 -5.17 -19.55 -8.16
C TYR A 443 -5.09 -20.19 -6.73
N ASN A 444 -6.25 -20.33 -6.09
CA ASN A 444 -6.36 -20.79 -4.72
C ASN A 444 -5.51 -20.03 -3.68
N ILE A 445 -5.64 -18.69 -3.71
CA ILE A 445 -4.80 -17.87 -2.88
C ILE A 445 -5.69 -17.63 -1.68
N PRO A 446 -5.29 -18.16 -0.49
CA PRO A 446 -6.25 -18.35 0.59
C PRO A 446 -6.54 -17.14 1.49
N THR A 447 -6.70 -15.97 0.86
CA THR A 447 -7.06 -14.78 1.60
C THR A 447 -8.43 -14.96 2.27
N ILE A 448 -8.62 -14.34 3.46
CA ILE A 448 -9.94 -14.31 4.10
C ILE A 448 -10.45 -12.89 3.93
N PHE A 449 -11.68 -12.76 3.45
CA PHE A 449 -12.27 -11.45 3.26
C PHE A 449 -13.40 -11.31 4.29
N VAL A 450 -13.32 -10.27 5.11
CA VAL A 450 -14.36 -10.05 6.13
C VAL A 450 -15.10 -8.80 5.67
N ILE A 451 -16.36 -8.97 5.27
CA ILE A 451 -17.10 -7.86 4.77
C ILE A 451 -17.96 -7.28 5.90
N MET A 452 -17.72 -6.02 6.22
CA MET A 452 -18.45 -5.35 7.32
C MET A 452 -19.71 -4.77 6.69
N ASN A 453 -20.81 -5.46 6.85
CA ASN A 453 -22.04 -4.98 6.24
C ASN A 453 -22.97 -4.15 7.15
N ASN A 454 -22.96 -2.84 7.00
CA ASN A 454 -23.90 -1.92 7.78
C ASN A 454 -24.83 -1.18 6.85
N GLY A 455 -24.82 -1.50 5.56
CA GLY A 455 -25.80 -1.00 4.61
C GLY A 455 -25.60 0.39 4.05
N THR A 456 -24.48 1.03 4.42
CA THR A 456 -24.33 2.46 4.13
C THR A 456 -22.86 2.81 3.91
N TYR A 457 -22.61 3.97 3.32
CA TYR A 457 -21.27 4.55 3.28
C TYR A 457 -21.06 5.29 4.61
N GLY A 458 -20.70 4.55 5.66
CA GLY A 458 -20.72 5.10 7.00
C GLY A 458 -19.82 6.28 7.21
N ALA A 459 -18.63 6.25 6.63
CA ALA A 459 -17.72 7.37 6.88
C ALA A 459 -18.28 8.66 6.25
N LEU A 460 -19.00 8.53 5.14
CA LEU A 460 -19.55 9.71 4.45
C LEU A 460 -20.68 10.23 5.30
N ARG A 461 -21.47 9.37 5.94
CA ARG A 461 -22.44 9.87 6.91
C ARG A 461 -21.80 10.61 8.04
N TRP A 462 -20.66 10.11 8.51
CA TRP A 462 -19.90 10.86 9.50
C TRP A 462 -19.36 12.24 9.01
N PHE A 463 -18.65 12.28 7.88
CA PHE A 463 -18.20 13.57 7.35
C PHE A 463 -19.39 14.51 7.15
N ALA A 464 -20.58 14.02 6.81
CA ALA A 464 -21.73 14.85 6.51
C ALA A 464 -22.16 15.47 7.84
N GLY A 465 -22.08 14.68 8.91
CA GLY A 465 -22.35 15.17 10.27
C GLY A 465 -21.41 16.26 10.64
N VAL A 466 -20.11 16.08 10.38
CA VAL A 466 -19.14 17.15 10.72
C VAL A 466 -19.39 18.44 9.96
N LEU A 467 -19.87 18.31 8.71
CA LEU A 467 -20.13 19.46 7.86
C LEU A 467 -21.48 20.03 8.17
N GLU A 468 -22.30 19.31 8.95
CA GLU A 468 -23.70 19.64 9.18
C GLU A 468 -24.54 19.66 7.88
N ALA A 469 -24.10 18.82 6.93
CA ALA A 469 -24.71 18.71 5.58
C ALA A 469 -25.98 17.85 5.52
N GLU A 470 -27.13 18.46 5.26
CA GLU A 470 -28.36 17.71 5.16
C GLU A 470 -28.74 17.40 3.73
N ASN A 471 -29.66 16.47 3.54
CA ASN A 471 -30.17 16.11 2.20
C ASN A 471 -29.12 15.71 1.16
N VAL A 472 -28.15 14.96 1.64
CA VAL A 472 -27.12 14.42 0.75
C VAL A 472 -27.65 13.11 0.14
N PRO A 473 -27.65 12.98 -1.21
CA PRO A 473 -28.11 11.74 -1.79
C PRO A 473 -26.97 10.68 -1.88
N GLY A 474 -27.35 9.44 -2.17
CA GLY A 474 -26.38 8.41 -2.55
C GLY A 474 -25.51 7.80 -1.48
N LEU A 475 -25.92 7.93 -0.21
CA LEU A 475 -25.12 7.41 0.88
C LEU A 475 -25.44 5.99 1.30
N ASP A 476 -26.56 5.43 0.81
CA ASP A 476 -26.97 4.10 1.25
C ASP A 476 -26.76 3.06 0.13
N VAL A 477 -26.33 1.85 0.57
CA VAL A 477 -26.02 0.79 -0.40
C VAL A 477 -26.73 -0.51 0.06
N PRO A 478 -28.07 -0.45 0.16
CA PRO A 478 -28.80 -1.67 0.53
C PRO A 478 -28.82 -2.73 -0.56
N GLY A 479 -29.15 -3.93 -0.18
CA GLY A 479 -29.53 -4.89 -1.22
C GLY A 479 -28.39 -5.59 -1.94
N ILE A 480 -27.27 -5.79 -1.24
CA ILE A 480 -26.14 -6.52 -1.78
C ILE A 480 -25.99 -7.82 -0.99
N ASP A 481 -25.96 -8.96 -1.70
CA ASP A 481 -25.78 -10.23 -1.06
C ASP A 481 -24.37 -10.71 -1.31
N PHE A 482 -23.46 -10.55 -0.35
CA PHE A 482 -22.04 -10.82 -0.56
C PHE A 482 -21.73 -12.30 -0.70
N ARG A 483 -22.57 -13.15 -0.11
CA ARG A 483 -22.40 -14.59 -0.22
C ARG A 483 -22.68 -15.01 -1.65
N ALA A 484 -23.66 -14.36 -2.28
CA ALA A 484 -23.98 -14.63 -3.69
C ALA A 484 -22.85 -14.09 -4.61
N LEU A 485 -22.28 -12.92 -4.33
CA LEU A 485 -21.15 -12.43 -5.13
C LEU A 485 -19.96 -13.38 -4.97
N ALA A 486 -19.64 -13.81 -3.75
CA ALA A 486 -18.54 -14.80 -3.60
C ALA A 486 -18.82 -16.08 -4.37
N LYS A 487 -20.01 -16.63 -4.27
CA LYS A 487 -20.38 -17.79 -5.10
C LYS A 487 -20.19 -17.48 -6.56
N GLY A 488 -20.63 -16.30 -7.00
CA GLY A 488 -20.42 -15.87 -8.38
C GLY A 488 -18.99 -16.13 -8.85
N TYR A 489 -18.01 -15.81 -8.02
CA TYR A 489 -16.63 -15.87 -8.43
C TYR A 489 -15.86 -17.08 -7.87
N GLY A 490 -16.58 -18.05 -7.30
CA GLY A 490 -15.96 -19.32 -6.90
C GLY A 490 -15.35 -19.35 -5.51
N VAL A 491 -15.70 -18.39 -4.63
CA VAL A 491 -15.09 -18.31 -3.33
C VAL A 491 -16.15 -18.80 -2.26
N GLN A 492 -15.70 -19.69 -1.36
CA GLN A 492 -16.56 -20.16 -0.26
C GLN A 492 -17.03 -18.96 0.53
N ALA A 493 -18.28 -19.00 0.93
CA ALA A 493 -18.88 -17.86 1.63
C ALA A 493 -19.66 -18.24 2.88
N LEU A 494 -19.60 -17.38 3.91
CA LEU A 494 -20.22 -17.66 5.24
C LEU A 494 -20.85 -16.37 5.63
N LYS A 495 -21.83 -16.40 6.56
CA LYS A 495 -22.52 -15.19 7.03
C LYS A 495 -22.45 -15.20 8.53
N ALA A 496 -22.20 -14.07 9.13
CA ALA A 496 -22.26 -13.94 10.58
C ALA A 496 -23.19 -12.84 10.96
N ASP A 497 -24.35 -13.21 11.53
CA ASP A 497 -25.31 -12.19 11.94
C ASP A 497 -25.20 -11.82 13.41
N ASN A 498 -24.42 -12.59 14.18
CA ASN A 498 -24.21 -12.32 15.63
C ASN A 498 -22.83 -12.85 16.05
N LEU A 499 -22.48 -12.75 17.31
CA LEU A 499 -21.16 -13.14 17.75
C LEU A 499 -20.94 -14.65 17.67
N GLU A 500 -21.96 -15.44 18.03
CA GLU A 500 -21.78 -16.86 17.93
C GLU A 500 -21.41 -17.26 16.49
N GLN A 501 -22.10 -16.67 15.52
CA GLN A 501 -21.84 -17.06 14.12
C GLN A 501 -20.52 -16.45 13.64
N LEU A 502 -20.15 -15.28 14.16
CA LEU A 502 -18.83 -14.71 13.81
C LEU A 502 -17.73 -15.65 14.27
N LYS A 503 -17.79 -16.13 15.52
CA LYS A 503 -16.78 -17.07 15.97
C LYS A 503 -16.71 -18.32 15.13
N GLY A 504 -17.88 -18.90 14.85
CA GLY A 504 -17.89 -20.14 14.05
C GLY A 504 -17.38 -19.90 12.67
N SER A 505 -17.77 -18.75 12.06
CA SER A 505 -17.33 -18.48 10.68
C SER A 505 -15.84 -18.29 10.66
N LEU A 506 -15.29 -17.58 11.66
CA LEU A 506 -13.82 -17.40 11.69
C LEU A 506 -13.09 -18.72 11.89
N GLN A 507 -13.65 -19.61 12.73
CA GLN A 507 -12.99 -20.90 12.93
C GLN A 507 -12.98 -21.68 11.62
N GLU A 508 -14.11 -21.70 10.92
CA GLU A 508 -14.14 -22.43 9.68
C GLU A 508 -13.18 -21.77 8.67
N ALA A 509 -13.20 -20.45 8.56
CA ALA A 509 -12.35 -19.78 7.55
C ALA A 509 -10.87 -19.99 7.85
N LEU A 510 -10.51 -19.91 9.12
CA LEU A 510 -9.12 -20.12 9.48
C LEU A 510 -8.65 -21.56 9.22
N SER A 511 -9.58 -22.49 9.11
CA SER A 511 -9.28 -23.92 8.88
C SER A 511 -9.29 -24.24 7.40
N ALA A 512 -9.77 -23.32 6.57
CA ALA A 512 -10.07 -23.63 5.15
C ALA A 512 -8.81 -23.77 4.35
N LYS A 513 -8.95 -24.41 3.20
CA LYS A 513 -7.76 -24.59 2.39
C LYS A 513 -7.73 -23.61 1.22
N GLY A 514 -8.73 -22.75 1.14
CA GLY A 514 -8.78 -21.77 0.05
C GLY A 514 -9.31 -20.46 0.53
N PRO A 515 -9.55 -19.53 -0.41
CA PRO A 515 -10.09 -18.26 0.03
C PRO A 515 -11.49 -18.37 0.66
N VAL A 516 -11.83 -17.46 1.59
CA VAL A 516 -13.19 -17.50 2.21
C VAL A 516 -13.67 -16.09 2.39
N LEU A 517 -14.93 -15.85 2.08
CA LEU A 517 -15.57 -14.56 2.41
C LEU A 517 -16.59 -14.76 3.53
N ILE A 518 -16.56 -13.84 4.50
CA ILE A 518 -17.50 -13.84 5.57
C ILE A 518 -18.24 -12.53 5.54
N GLU A 519 -19.55 -12.61 5.36
CA GLU A 519 -20.35 -11.40 5.47
C GLU A 519 -20.87 -11.18 6.86
N VAL A 520 -20.45 -10.07 7.45
CA VAL A 520 -20.72 -9.84 8.85
C VAL A 520 -21.76 -8.74 8.93
N SER A 521 -22.86 -8.99 9.69
CA SER A 521 -23.94 -8.00 9.85
C SER A 521 -23.51 -7.05 10.99
N THR A 522 -23.11 -5.82 10.62
CA THR A 522 -22.61 -4.89 11.60
C THR A 522 -23.62 -3.86 11.94
N VAL A 523 -23.39 -3.22 13.09
CA VAL A 523 -24.39 -2.24 13.54
C VAL A 523 -24.43 -1.00 12.61
N SER A 524 -25.63 -0.56 12.26
CA SER A 524 -25.76 0.64 11.44
C SER A 524 -25.32 1.90 12.22
N PRO A 525 -24.60 2.83 11.56
CA PRO A 525 -24.34 4.09 12.24
C PRO A 525 -25.61 4.97 12.23
#